data_6Q40
#
_entry.id   6Q40
#
_cell.length_a   119.390
_cell.length_b   119.390
_cell.length_c   157.670
_cell.angle_alpha   90.000
_cell.angle_beta   90.000
_cell.angle_gamma   120.000
#
_symmetry.space_group_name_H-M   'P 61 2 2'
#
loop_
_entity.id
_entity.type
_entity.pdbx_description
1 polymer 'LysM domain-containing protein'
2 branched 2-acetamido-2-deoxy-beta-D-glucopyranose-(1-4)-2-acetamido-2-deoxy-beta-D-glucopyranose-(1-4)-2-acetamido-2-deoxy-beta-D-glucopyranose
3 non-polymer 'CHLORIDE ION'
4 water water
#
_entity_poly.entity_id   1
_entity_poly.type   'polypeptide(L)'
_entity_poly.pdbx_seq_one_letter_code
;ARNPITITPQFDCGATNSQQYVARSGDTLTKIAQEIYHDVVGVCDIARANNLADPNRIDAGTPYTIPINCQTYDRNSCL
;
_entity_poly.pdbx_strand_id   A,B,C,D
#
# COMPACT_ATOMS: atom_id res chain seq x y z
N ALA A 1 -9.02 16.34 13.98
CA ALA A 1 -10.21 16.63 14.77
C ALA A 1 -10.42 15.58 15.89
N ARG A 2 -9.93 14.35 15.71
CA ARG A 2 -10.06 13.34 16.75
C ARG A 2 -8.84 13.36 17.68
N ASN A 3 -9.04 12.83 18.89
CA ASN A 3 -7.89 12.91 19.78
C ASN A 3 -6.91 11.80 19.46
N PRO A 4 -5.62 12.08 19.52
CA PRO A 4 -4.62 11.03 19.31
C PRO A 4 -4.75 9.99 20.41
N ILE A 5 -4.40 8.75 20.08
CA ILE A 5 -4.37 7.69 21.07
C ILE A 5 -3.04 6.97 21.02
N THR A 6 -2.73 6.30 22.11
CA THR A 6 -1.53 5.49 22.21
C THR A 6 -1.94 4.02 22.22
N ILE A 7 -1.30 3.23 21.35
CA ILE A 7 -1.54 1.80 21.26
C ILE A 7 -0.22 1.09 21.45
N THR A 8 -0.31 -0.20 21.79
CA THR A 8 0.89 -1.01 21.95
C THR A 8 0.91 -2.09 20.88
N PRO A 9 1.71 -1.92 19.83
CA PRO A 9 1.70 -2.87 18.73
C PRO A 9 2.18 -4.25 19.14
N GLN A 10 1.60 -5.27 18.50
CA GLN A 10 2.06 -6.64 18.65
C GLN A 10 2.84 -7.13 17.44
N PHE A 11 3.00 -6.30 16.42
CA PHE A 11 3.73 -6.63 15.20
C PHE A 11 4.48 -5.40 14.71
N ASP A 12 5.55 -5.64 13.95
CA ASP A 12 6.36 -4.54 13.45
C ASP A 12 5.54 -3.58 12.58
N CYS A 13 4.54 -4.10 11.87
CA CYS A 13 3.71 -3.26 11.03
C CYS A 13 2.80 -2.35 11.84
N GLY A 14 2.81 -2.49 13.18
CA GLY A 14 2.02 -1.64 14.04
C GLY A 14 0.67 -2.20 14.41
N ALA A 15 0.29 -3.35 13.87
CA ALA A 15 -0.99 -3.96 14.18
C ALA A 15 -1.10 -4.32 15.66
N THR A 16 -2.33 -4.23 16.20
CA THR A 16 -2.62 -4.73 17.55
C THR A 16 -3.49 -5.97 17.53
N ASN A 17 -4.18 -6.24 16.42
CA ASN A 17 -5.12 -7.34 16.33
C ASN A 17 -4.70 -8.28 15.21
N SER A 18 -5.12 -9.54 15.33
CA SER A 18 -4.73 -10.54 14.33
C SER A 18 -5.82 -11.59 14.23
N GLN A 19 -5.76 -12.36 13.15
CA GLN A 19 -6.58 -13.56 13.03
C GLN A 19 -5.68 -14.74 12.72
N GLN A 20 -6.18 -15.95 13.02
CA GLN A 20 -5.55 -17.19 12.59
C GLN A 20 -6.21 -17.63 11.30
N TYR A 21 -5.40 -17.76 10.24
CA TYR A 21 -5.91 -18.20 8.94
C TYR A 21 -5.19 -19.49 8.57
N VAL A 22 -5.96 -20.53 8.30
CA VAL A 22 -5.41 -21.83 7.93
C VAL A 22 -5.33 -21.90 6.41
N ALA A 23 -4.11 -22.03 5.90
CA ALA A 23 -3.90 -22.04 4.45
C ALA A 23 -4.57 -23.23 3.79
N ARG A 24 -5.13 -23.00 2.62
CA ARG A 24 -5.73 -24.04 1.79
C ARG A 24 -4.77 -24.43 0.66
N SER A 25 -5.00 -25.59 0.07
CA SER A 25 -4.22 -25.97 -1.10
C SER A 25 -4.36 -24.89 -2.18
N GLY A 26 -3.22 -24.44 -2.69
CA GLY A 26 -3.22 -23.37 -3.66
C GLY A 26 -3.06 -21.98 -3.09
N ASP A 27 -3.16 -21.82 -1.78
CA ASP A 27 -2.96 -20.50 -1.21
C ASP A 27 -1.51 -20.09 -1.34
N THR A 28 -1.31 -18.80 -1.63
CA THR A 28 -0.03 -18.14 -1.55
C THR A 28 -0.20 -16.92 -0.66
N LEU A 29 0.93 -16.42 -0.16
CA LEU A 29 0.92 -15.19 0.62
C LEU A 29 0.29 -14.03 -0.15
N THR A 30 0.61 -13.89 -1.44
CA THR A 30 -0.02 -12.85 -2.24
C THR A 30 -1.54 -13.02 -2.30
N LYS A 31 -2.01 -14.26 -2.48
CA LYS A 31 -3.45 -14.51 -2.52
C LYS A 31 -4.09 -14.22 -1.17
N ILE A 32 -3.41 -14.62 -0.09
CA ILE A 32 -3.95 -14.38 1.22
C ILE A 32 -4.04 -12.89 1.52
N ALA A 33 -2.94 -12.17 1.28
CA ALA A 33 -2.92 -10.76 1.62
C ALA A 33 -3.80 -9.95 0.69
N GLN A 34 -3.73 -10.23 -0.62
CA GLN A 34 -4.36 -9.36 -1.59
C GLN A 34 -5.80 -9.73 -1.88
N GLU A 35 -6.14 -11.02 -1.89
CA GLU A 35 -7.49 -11.43 -2.25
C GLU A 35 -8.32 -11.73 -1.00
N ILE A 36 -7.89 -12.71 -0.21
CA ILE A 36 -8.66 -13.12 0.96
C ILE A 36 -8.79 -11.96 1.95
N TYR A 37 -7.70 -11.22 2.18
CA TYR A 37 -7.73 -10.09 3.11
C TYR A 37 -7.83 -8.76 2.39
N HIS A 38 -8.15 -8.79 1.10
CA HIS A 38 -8.53 -7.59 0.36
C HIS A 38 -7.50 -6.48 0.50
N ASP A 39 -6.22 -6.87 0.55
CA ASP A 39 -5.09 -5.94 0.60
C ASP A 39 -5.02 -5.12 1.89
N VAL A 40 -5.66 -5.55 2.99
CA VAL A 40 -5.55 -4.80 4.25
C VAL A 40 -4.28 -5.16 5.03
N VAL A 41 -3.44 -6.05 4.51
CA VAL A 41 -2.16 -6.42 5.11
C VAL A 41 -1.19 -6.70 3.98
N GLY A 42 0.09 -6.46 4.22
CA GLY A 42 1.10 -6.76 3.22
C GLY A 42 1.54 -8.21 3.33
N VAL A 43 1.87 -8.78 2.18
CA VAL A 43 2.47 -10.11 2.11
C VAL A 43 3.64 -10.23 3.10
N CYS A 44 4.49 -9.20 3.18
CA CYS A 44 5.67 -9.29 4.02
C CYS A 44 5.33 -9.03 5.48
N ASP A 45 4.26 -8.31 5.77
CA ASP A 45 3.75 -8.27 7.14
C ASP A 45 3.35 -9.65 7.61
N ILE A 46 2.68 -10.42 6.75
CA ILE A 46 2.35 -11.79 7.13
C ILE A 46 3.61 -12.62 7.36
N ALA A 47 4.59 -12.50 6.46
CA ALA A 47 5.82 -13.28 6.59
C ALA A 47 6.55 -12.95 7.88
N ARG A 48 6.69 -11.66 8.20
CA ARG A 48 7.37 -11.31 9.43
C ARG A 48 6.55 -11.69 10.65
N ALA A 49 5.24 -11.57 10.56
CA ALA A 49 4.41 -11.97 11.68
C ALA A 49 4.58 -13.45 12.01
N ASN A 50 4.97 -14.26 11.03
CA ASN A 50 5.13 -15.69 11.22
C ASN A 50 6.58 -16.13 11.17
N ASN A 51 7.51 -15.19 11.24
CA ASN A 51 8.94 -15.48 11.24
C ASN A 51 9.33 -16.38 10.08
N LEU A 52 8.76 -16.11 8.90
CA LEU A 52 9.05 -16.95 7.73
C LEU A 52 10.29 -16.49 6.99
N ALA A 53 11.17 -17.45 6.66
CA ALA A 53 12.36 -17.19 5.86
C ALA A 53 12.01 -17.00 4.39
N ASP A 54 11.23 -17.92 3.82
CA ASP A 54 10.89 -17.90 2.41
C ASP A 54 9.40 -17.62 2.25
N PRO A 55 9.03 -16.43 1.78
CA PRO A 55 7.59 -16.09 1.65
C PRO A 55 6.84 -16.86 0.59
N ASN A 56 7.54 -17.63 -0.25
CA ASN A 56 6.89 -18.43 -1.27
C ASN A 56 6.61 -19.86 -0.83
N ARG A 57 6.91 -20.21 0.41
CA ARG A 57 6.65 -21.53 0.94
C ARG A 57 5.53 -21.40 1.96
N ILE A 58 4.37 -21.92 1.62
CA ILE A 58 3.18 -21.89 2.48
C ILE A 58 2.63 -23.30 2.49
N ASP A 59 2.30 -23.80 3.68
CA ASP A 59 1.94 -25.21 3.85
C ASP A 59 0.45 -25.34 4.10
N ALA A 60 -0.23 -26.10 3.25
CA ALA A 60 -1.65 -26.36 3.42
C ALA A 60 -1.93 -26.96 4.79
N GLY A 61 -2.97 -26.46 5.44
CA GLY A 61 -3.33 -26.89 6.77
C GLY A 61 -2.58 -26.26 7.91
N THR A 62 -1.62 -25.40 7.62
CA THR A 62 -0.91 -24.75 8.72
C THR A 62 -1.58 -23.40 9.02
N PRO A 63 -1.83 -23.07 10.28
CA PRO A 63 -2.38 -21.74 10.59
C PRO A 63 -1.29 -20.67 10.53
N TYR A 64 -1.65 -19.52 10.00
CA TYR A 64 -0.76 -18.37 9.93
C TYR A 64 -1.42 -17.21 10.63
N THR A 65 -0.63 -16.50 11.43
CA THR A 65 -1.09 -15.30 12.12
C THR A 65 -1.19 -14.18 11.09
N ILE A 66 -2.38 -13.59 10.95
CA ILE A 66 -2.57 -12.49 10.01
C ILE A 66 -2.79 -11.22 10.83
N PRO A 67 -1.83 -10.29 10.85
CA PRO A 67 -2.07 -9.00 11.52
C PRO A 67 -3.06 -8.18 10.71
N ILE A 68 -4.19 -7.81 11.32
CA ILE A 68 -5.30 -7.30 10.54
C ILE A 68 -5.47 -5.80 10.63
N ASN A 69 -4.68 -5.10 11.45
CA ASN A 69 -4.86 -3.65 11.53
C ASN A 69 -3.51 -2.94 11.60
N CYS A 70 -2.62 -3.30 10.69
CA CYS A 70 -1.32 -2.67 10.59
C CYS A 70 -1.45 -1.16 10.39
N GLN A 71 -0.47 -0.41 10.90
CA GLN A 71 -0.39 1.00 10.55
C GLN A 71 0.32 1.20 9.21
N THR A 72 1.38 0.42 8.96
CA THR A 72 2.11 0.46 7.70
C THR A 72 1.98 -0.91 7.03
N TYR A 73 2.15 -0.96 5.70
CA TYR A 73 1.99 -2.18 4.93
C TYR A 73 3.26 -2.45 4.15
N ASP A 74 3.85 -3.61 4.38
CA ASP A 74 5.07 -4.01 3.69
C ASP A 74 4.67 -5.04 2.64
N ARG A 75 4.65 -4.62 1.38
CA ARG A 75 4.17 -5.48 0.32
C ARG A 75 5.27 -6.24 -0.41
N ASN A 76 6.54 -5.87 -0.22
CA ASN A 76 7.56 -6.51 -1.05
C ASN A 76 9.00 -6.48 -0.51
N SER A 77 9.26 -5.91 0.67
CA SER A 77 10.64 -5.90 1.17
C SER A 77 11.19 -7.32 1.30
N CYS A 78 10.34 -8.29 1.64
CA CYS A 78 10.76 -9.68 1.81
C CYS A 78 10.83 -10.42 0.48
N LEU A 79 10.54 -9.73 -0.60
CA LEU A 79 10.58 -10.31 -1.93
C LEU A 79 11.82 -9.82 -2.65
N ALA B 1 6.26 -6.01 24.74
CA ALA B 1 7.71 -5.82 24.63
C ALA B 1 8.06 -4.69 23.64
N ARG B 2 7.16 -4.41 22.69
CA ARG B 2 7.34 -3.33 21.74
C ARG B 2 6.95 -1.98 22.35
N ASN B 3 7.48 -0.94 21.79
CA ASN B 3 7.14 0.31 22.44
C ASN B 3 5.80 0.83 21.94
N PRO B 4 5.05 1.48 22.83
CA PRO B 4 3.78 2.07 22.42
C PRO B 4 4.02 3.15 21.36
N ILE B 5 3.04 3.34 20.49
CA ILE B 5 3.07 4.42 19.52
C ILE B 5 1.79 5.23 19.67
N THR B 6 1.85 6.46 19.17
CA THR B 6 0.72 7.36 19.20
C THR B 6 0.20 7.54 17.79
N ILE B 7 -1.11 7.37 17.60
CA ILE B 7 -1.72 7.51 16.30
C ILE B 7 -2.88 8.51 16.40
N THR B 8 -3.27 9.04 15.24
CA THR B 8 -4.43 9.91 15.19
C THR B 8 -5.52 9.22 14.38
N PRO B 9 -6.55 8.69 15.03
CA PRO B 9 -7.59 7.97 14.30
C PRO B 9 -8.36 8.91 13.38
N GLN B 10 -8.77 8.37 12.23
CA GLN B 10 -9.64 9.04 11.28
C GLN B 10 -11.06 8.51 11.35
N PHE B 11 -11.32 7.55 12.23
CA PHE B 11 -12.64 6.95 12.37
C PHE B 11 -12.83 6.63 13.83
N ASP B 12 -14.09 6.55 14.24
CA ASP B 12 -14.39 6.27 15.64
C ASP B 12 -13.84 4.93 16.07
N CYS B 13 -13.76 3.97 15.15
CA CYS B 13 -13.22 2.66 15.49
C CYS B 13 -11.71 2.68 15.77
N GLY B 14 -11.04 3.82 15.62
CA GLY B 14 -9.61 3.92 15.86
C GLY B 14 -8.75 3.74 14.62
N ALA B 15 -9.36 3.41 13.47
CA ALA B 15 -8.62 3.20 12.24
C ALA B 15 -7.96 4.50 11.76
N THR B 16 -6.78 4.34 11.15
CA THR B 16 -6.10 5.43 10.49
C THR B 16 -6.11 5.30 8.98
N ASN B 17 -6.35 4.10 8.45
CA ASN B 17 -6.29 3.83 7.03
C ASN B 17 -7.64 3.31 6.53
N SER B 18 -7.89 3.49 5.25
CA SER B 18 -9.17 3.06 4.68
C SER B 18 -8.97 2.73 3.20
N GLN B 19 -9.96 2.05 2.64
CA GLN B 19 -10.07 1.83 1.22
C GLN B 19 -11.46 2.26 0.77
N GLN B 20 -11.59 2.54 -0.53
CA GLN B 20 -12.86 2.76 -1.18
C GLN B 20 -13.32 1.45 -1.80
N TYR B 21 -14.53 1.03 -1.47
CA TYR B 21 -15.13 -0.17 -2.03
C TYR B 21 -16.45 0.21 -2.70
N VAL B 22 -16.59 -0.11 -3.97
CA VAL B 22 -17.79 0.24 -4.73
C VAL B 22 -18.75 -0.92 -4.66
N ALA B 23 -19.94 -0.70 -4.08
CA ALA B 23 -20.87 -1.79 -3.86
C ALA B 23 -21.32 -2.42 -5.17
N ARG B 24 -21.32 -3.75 -5.22
CA ARG B 24 -21.89 -4.45 -6.35
C ARG B 24 -23.37 -4.77 -6.08
N SER B 25 -24.12 -4.99 -7.16
CA SER B 25 -25.49 -5.44 -7.04
C SER B 25 -25.54 -6.71 -6.18
N GLY B 26 -26.42 -6.70 -5.17
CA GLY B 26 -26.50 -7.82 -4.25
C GLY B 26 -25.64 -7.68 -3.01
N ASP B 27 -24.77 -6.68 -2.94
CA ASP B 27 -23.91 -6.48 -1.80
C ASP B 27 -24.73 -6.03 -0.59
N THR B 28 -24.29 -6.47 0.60
CA THR B 28 -24.77 -5.93 1.85
C THR B 28 -23.57 -5.54 2.69
N LEU B 29 -23.84 -4.75 3.73
CA LEU B 29 -22.78 -4.47 4.70
C LEU B 29 -22.23 -5.76 5.30
N THR B 30 -23.09 -6.72 5.60
CA THR B 30 -22.63 -7.98 6.18
C THR B 30 -21.65 -8.71 5.27
N LYS B 31 -22.01 -8.89 3.99
CA LYS B 31 -21.11 -9.61 3.12
C LYS B 31 -19.84 -8.81 2.84
N ILE B 32 -19.92 -7.47 2.82
CA ILE B 32 -18.72 -6.66 2.61
C ILE B 32 -17.78 -6.82 3.81
N ALA B 33 -18.32 -6.70 5.02
CA ALA B 33 -17.49 -6.78 6.22
C ALA B 33 -17.00 -8.20 6.47
N GLN B 34 -17.88 -9.19 6.35
CA GLN B 34 -17.54 -10.54 6.81
C GLN B 34 -16.84 -11.35 5.74
N GLU B 35 -17.23 -11.21 4.47
CA GLU B 35 -16.63 -12.02 3.42
C GLU B 35 -15.58 -11.22 2.66
N ILE B 36 -15.98 -10.10 2.04
CA ILE B 36 -15.02 -9.35 1.24
C ILE B 36 -13.84 -8.89 2.09
N TYR B 37 -14.12 -8.35 3.28
CA TYR B 37 -13.05 -7.87 4.14
C TYR B 37 -12.72 -8.84 5.27
N HIS B 38 -13.23 -10.07 5.19
CA HIS B 38 -12.77 -11.15 6.07
C HIS B 38 -12.83 -10.76 7.55
N ASP B 39 -13.88 -10.03 7.92
CA ASP B 39 -14.10 -9.62 9.31
C ASP B 39 -13.03 -8.69 9.86
N VAL B 40 -12.24 -7.99 9.03
CA VAL B 40 -11.27 -7.05 9.62
C VAL B 40 -11.92 -5.71 9.93
N VAL B 41 -13.22 -5.56 9.67
CA VAL B 41 -13.97 -4.37 10.03
C VAL B 41 -15.40 -4.81 10.40
N GLY B 42 -16.04 -4.05 11.28
CA GLY B 42 -17.42 -4.33 11.66
C GLY B 42 -18.43 -3.70 10.72
N VAL B 43 -19.59 -4.36 10.58
CA VAL B 43 -20.70 -3.80 9.80
C VAL B 43 -20.99 -2.38 10.24
N CYS B 44 -21.00 -2.15 11.56
CA CYS B 44 -21.36 -0.82 12.05
C CYS B 44 -20.21 0.18 11.97
N ASP B 45 -18.97 -0.29 11.95
CA ASP B 45 -17.87 0.62 11.61
C ASP B 45 -18.04 1.16 10.19
N ILE B 46 -18.43 0.30 9.24
CA ILE B 46 -18.66 0.79 7.89
C ILE B 46 -19.82 1.79 7.87
N ALA B 47 -20.91 1.46 8.57
CA ALA B 47 -22.07 2.36 8.57
C ALA B 47 -21.71 3.72 9.16
N ARG B 48 -20.94 3.72 10.26
CA ARG B 48 -20.59 4.98 10.87
C ARG B 48 -19.62 5.77 10.01
N ALA B 49 -18.66 5.08 9.38
CA ALA B 49 -17.69 5.75 8.53
C ALA B 49 -18.33 6.46 7.36
N ASN B 50 -19.50 5.98 6.93
CA ASN B 50 -20.19 6.55 5.78
C ASN B 50 -21.45 7.28 6.16
N ASN B 51 -21.66 7.54 7.46
CA ASN B 51 -22.83 8.26 7.96
C ASN B 51 -24.10 7.70 7.36
N LEU B 52 -24.23 6.38 7.40
CA LEU B 52 -25.38 5.74 6.80
C LEU B 52 -26.56 5.85 7.75
N ALA B 53 -27.69 6.28 7.23
CA ALA B 53 -28.89 6.32 8.05
C ALA B 53 -29.35 4.90 8.38
N ASP B 54 -29.46 4.09 7.37
CA ASP B 54 -29.96 2.73 7.50
C ASP B 54 -28.85 1.77 7.12
N PRO B 55 -28.28 1.01 8.06
CA PRO B 55 -27.23 0.06 7.69
C PRO B 55 -27.71 -1.05 6.76
N ASN B 56 -29.01 -1.18 6.54
CA ASN B 56 -29.54 -2.20 5.65
C ASN B 56 -29.64 -1.72 4.21
N ARG B 57 -29.43 -0.43 3.98
CA ARG B 57 -29.63 0.23 2.69
C ARG B 57 -28.29 0.74 2.17
N ILE B 58 -27.76 0.08 1.14
CA ILE B 58 -26.59 0.57 0.39
C ILE B 58 -26.91 0.46 -1.10
N ASP B 59 -26.24 1.30 -1.89
CA ASP B 59 -26.57 1.48 -3.30
C ASP B 59 -25.55 0.82 -4.20
N ALA B 60 -26.04 -0.05 -5.09
CA ALA B 60 -25.17 -0.67 -6.09
C ALA B 60 -24.47 0.40 -6.91
N GLY B 61 -23.15 0.27 -7.07
CA GLY B 61 -22.38 1.28 -7.77
C GLY B 61 -21.96 2.49 -6.96
N THR B 62 -22.31 2.56 -5.70
CA THR B 62 -21.88 3.69 -4.90
C THR B 62 -20.60 3.33 -4.14
N PRO B 63 -19.60 4.20 -4.11
CA PRO B 63 -18.37 3.89 -3.35
C PRO B 63 -18.58 4.13 -1.87
N TYR B 64 -18.01 3.24 -1.07
CA TYR B 64 -18.08 3.36 0.38
C TYR B 64 -16.68 3.31 0.97
N THR B 65 -16.45 4.16 1.97
CA THR B 65 -15.20 4.17 2.71
C THR B 65 -15.14 3.00 3.69
N ILE B 66 -14.12 2.16 3.56
CA ILE B 66 -13.95 1.02 4.45
C ILE B 66 -12.74 1.29 5.32
N PRO B 67 -12.92 1.57 6.63
CA PRO B 67 -11.76 1.68 7.53
C PRO B 67 -11.13 0.31 7.71
N ILE B 68 -9.84 0.18 7.42
CA ILE B 68 -9.27 -1.16 7.29
C ILE B 68 -8.40 -1.54 8.46
N ASN B 69 -8.15 -0.64 9.41
CA ASN B 69 -7.29 -1.00 10.54
C ASN B 69 -7.86 -0.46 11.85
N CYS B 70 -9.15 -0.70 12.07
CA CYS B 70 -9.79 -0.32 13.32
C CYS B 70 -9.08 -0.95 14.51
N GLN B 71 -9.09 -0.23 15.64
CA GLN B 71 -8.63 -0.81 16.90
C GLN B 71 -9.71 -1.66 17.54
N THR B 72 -10.97 -1.22 17.44
CA THR B 72 -12.15 -1.94 17.93
C THR B 72 -13.09 -2.21 16.76
N TYR B 73 -13.92 -3.23 16.91
CA TYR B 73 -14.83 -3.65 15.85
C TYR B 73 -16.25 -3.63 16.36
N ASP B 74 -17.11 -2.89 15.66
CA ASP B 74 -18.54 -2.76 16.01
C ASP B 74 -19.34 -3.58 14.99
N ARG B 75 -19.78 -4.76 15.41
CA ARG B 75 -20.51 -5.63 14.50
C ARG B 75 -22.02 -5.44 14.54
N ASN B 76 -22.56 -4.77 15.56
CA ASN B 76 -24.03 -4.79 15.70
C ASN B 76 -24.71 -3.65 16.47
N SER B 77 -23.97 -2.66 16.99
CA SER B 77 -24.63 -1.60 17.74
C SER B 77 -25.68 -0.87 16.92
N CYS B 78 -25.48 -0.76 15.61
CA CYS B 78 -26.36 -0.05 14.69
C CYS B 78 -27.51 -0.91 14.14
N LEU B 79 -27.61 -2.18 14.55
CA LEU B 79 -28.64 -3.08 14.05
C LEU B 79 -29.76 -3.28 15.06
N ALA C 1 12.99 17.56 12.09
CA ALA C 1 11.84 17.49 11.19
C ALA C 1 12.02 18.45 9.99
N ARG C 2 11.14 18.32 9.00
CA ARG C 2 11.22 19.11 7.78
C ARG C 2 9.96 19.97 7.64
N ASN C 3 10.11 21.08 6.95
CA ASN C 3 8.95 21.96 6.83
C ASN C 3 8.08 21.59 5.64
N PRO C 4 6.77 21.84 5.76
CA PRO C 4 5.86 21.49 4.67
C PRO C 4 6.12 22.24 3.37
N ILE C 5 5.72 21.52 2.33
CA ILE C 5 5.81 21.89 0.94
C ILE C 5 4.43 21.81 0.33
N THR C 6 4.18 22.76 -0.56
CA THR C 6 2.92 22.83 -1.29
C THR C 6 3.16 22.37 -2.72
N ILE C 7 2.35 21.41 -3.18
CA ILE C 7 2.50 20.86 -4.52
C ILE C 7 1.18 21.00 -5.25
N THR C 8 1.24 20.91 -6.58
CA THR C 8 0.02 20.94 -7.38
C THR C 8 -0.10 19.61 -8.10
N PRO C 9 -0.95 18.70 -7.63
CA PRO C 9 -1.04 17.37 -8.23
C PRO C 9 -1.60 17.44 -9.65
N GLN C 10 -1.11 16.53 -10.50
CA GLN C 10 -1.61 16.29 -11.84
C GLN C 10 -2.47 15.03 -11.92
N PHE C 11 -2.61 14.30 -10.81
CA PHE C 11 -3.41 13.08 -10.73
C PHE C 11 -4.07 13.05 -9.36
N ASP C 12 -5.22 12.37 -9.28
CA ASP C 12 -5.94 12.33 -8.00
C ASP C 12 -5.15 11.64 -6.90
N CYS C 13 -4.24 10.71 -7.24
CA CYS C 13 -3.42 10.07 -6.23
C CYS C 13 -2.41 11.03 -5.59
N GLY C 14 -2.31 12.28 -6.08
CA GLY C 14 -1.36 13.25 -5.59
C GLY C 14 -0.05 13.35 -6.37
N ALA C 15 0.17 12.50 -7.35
CA ALA C 15 1.43 12.57 -8.09
C ALA C 15 1.54 13.88 -8.85
N THR C 16 2.77 14.38 -8.95
CA THR C 16 3.11 15.51 -9.81
C THR C 16 3.90 15.10 -11.03
N ASN C 17 4.54 13.93 -10.98
CA ASN C 17 5.43 13.45 -12.03
C ASN C 17 4.91 12.13 -12.55
N SER C 18 5.25 11.83 -13.80
CA SER C 18 4.81 10.59 -14.41
C SER C 18 5.81 10.14 -15.47
N GLN C 19 5.68 8.88 -15.88
CA GLN C 19 6.40 8.35 -17.02
C GLN C 19 5.39 7.82 -18.03
N GLN C 20 5.86 7.72 -19.27
CA GLN C 20 5.14 7.03 -20.33
C GLN C 20 5.68 5.61 -20.41
N TYR C 21 4.81 4.62 -20.22
CA TYR C 21 5.21 3.22 -20.29
C TYR C 21 4.46 2.53 -21.41
N VAL C 22 5.22 1.92 -22.33
CA VAL C 22 4.62 1.20 -23.47
C VAL C 22 4.42 -0.25 -23.07
N ALA C 23 3.16 -0.69 -23.05
CA ALA C 23 2.86 -2.03 -22.60
C ALA C 23 3.51 -3.06 -23.52
N ARG C 24 4.14 -4.06 -22.92
CA ARG C 24 4.73 -5.16 -23.65
C ARG C 24 3.75 -6.33 -23.65
N SER C 25 3.90 -7.21 -24.64
CA SER C 25 3.07 -8.41 -24.72
C SER C 25 3.11 -9.19 -23.41
N GLY C 26 1.92 -9.57 -22.93
CA GLY C 26 1.82 -10.27 -21.66
C GLY C 26 1.62 -9.37 -20.45
N ASP C 27 1.76 -8.06 -20.60
CA ASP C 27 1.62 -7.16 -19.48
C ASP C 27 0.16 -7.06 -19.02
N THR C 28 0.01 -6.92 -17.71
CA THR C 28 -1.24 -6.57 -17.08
C THR C 28 -0.98 -5.36 -16.21
N LEU C 29 -2.05 -4.69 -15.79
CA LEU C 29 -1.90 -3.61 -14.82
C LEU C 29 -1.23 -4.11 -13.56
N THR C 30 -1.58 -5.31 -13.11
CA THR C 30 -0.94 -5.88 -11.93
C THR C 30 0.57 -5.98 -12.13
N LYS C 31 0.99 -6.56 -13.25
CA LYS C 31 2.42 -6.69 -13.49
C LYS C 31 3.08 -5.31 -13.59
N ILE C 32 2.42 -4.36 -14.25
CA ILE C 32 3.05 -3.05 -14.42
C ILE C 32 3.21 -2.36 -13.07
N ALA C 33 2.14 -2.32 -12.28
CA ALA C 33 2.22 -1.61 -11.01
C ALA C 33 3.10 -2.35 -10.02
N GLN C 34 2.97 -3.68 -9.92
CA GLN C 34 3.59 -4.41 -8.81
C GLN C 34 5.02 -4.83 -9.12
N GLU C 35 5.31 -5.22 -10.37
CA GLU C 35 6.64 -5.71 -10.69
C GLU C 35 7.49 -4.65 -11.37
N ILE C 36 7.07 -4.18 -12.53
CA ILE C 36 7.86 -3.23 -13.30
C ILE C 36 8.11 -1.96 -12.47
N TYR C 37 7.08 -1.46 -11.78
CA TYR C 37 7.17 -0.25 -10.98
C TYR C 37 7.27 -0.52 -9.47
N HIS C 38 7.49 -1.79 -9.10
CA HIS C 38 7.91 -2.15 -7.75
C HIS C 38 6.98 -1.58 -6.68
N ASP C 39 5.68 -1.58 -6.99
CA ASP C 39 4.63 -1.16 -6.07
C ASP C 39 4.71 0.32 -5.70
N VAL C 40 5.37 1.17 -6.50
CA VAL C 40 5.36 2.60 -6.19
C VAL C 40 4.13 3.30 -6.73
N VAL C 41 3.23 2.56 -7.37
CA VAL C 41 1.98 3.08 -7.89
C VAL C 41 0.95 1.97 -7.75
N GLY C 42 -0.31 2.35 -7.55
CA GLY C 42 -1.38 1.38 -7.49
C GLY C 42 -1.94 1.06 -8.86
N VAL C 43 -2.40 -0.19 -9.01
CA VAL C 43 -3.07 -0.61 -10.22
C VAL C 43 -4.16 0.38 -10.61
N CYS C 44 -4.96 0.81 -9.64
CA CYS C 44 -6.09 1.68 -9.94
C CYS C 44 -5.67 3.13 -10.13
N ASP C 45 -4.52 3.56 -9.58
CA ASP C 45 -3.96 4.86 -9.97
C ASP C 45 -3.62 4.87 -11.45
N ILE C 46 -3.01 3.80 -11.97
CA ILE C 46 -2.75 3.73 -13.41
C ILE C 46 -4.06 3.76 -14.18
N ALA C 47 -5.06 3.03 -13.70
CA ALA C 47 -6.34 3.01 -14.39
C ALA C 47 -6.96 4.40 -14.48
N ARG C 48 -6.98 5.16 -13.36
CA ARG C 48 -7.59 6.48 -13.54
C ARG C 48 -6.72 7.39 -14.40
N ALA C 49 -5.38 7.27 -14.27
CA ALA C 49 -4.48 8.15 -15.04
C ALA C 49 -4.72 8.03 -16.52
N ASN C 50 -5.05 6.84 -16.99
CA ASN C 50 -5.30 6.61 -18.41
C ASN C 50 -6.76 6.32 -18.63
N ASN C 51 -7.58 6.51 -17.60
CA ASN C 51 -8.99 6.75 -17.83
C ASN C 51 -9.59 5.52 -18.53
N LEU C 52 -9.29 4.34 -17.96
CA LEU C 52 -9.63 3.01 -18.50
C LEU C 52 -11.03 2.53 -18.12
N ALA C 53 -11.76 1.99 -19.09
CA ALA C 53 -13.01 1.35 -18.74
C ALA C 53 -12.76 0.07 -17.97
N ASP C 54 -11.93 -0.81 -18.51
CA ASP C 54 -11.68 -2.12 -17.92
C ASP C 54 -10.23 -2.23 -17.49
N PRO C 55 -9.93 -2.25 -16.19
CA PRO C 55 -8.53 -2.35 -15.78
C PRO C 55 -7.88 -3.65 -16.19
N ASN C 56 -8.65 -4.61 -16.67
CA ASN C 56 -8.12 -5.87 -17.17
C ASN C 56 -7.89 -5.83 -18.67
N ARG C 57 -7.78 -4.63 -19.26
CA ARG C 57 -7.72 -4.45 -20.71
C ARG C 57 -6.64 -3.41 -21.04
N ILE C 58 -5.39 -3.89 -20.97
CA ILE C 58 -4.19 -3.31 -21.57
C ILE C 58 -3.79 -3.98 -22.88
N ASP C 59 -3.35 -3.09 -23.78
CA ASP C 59 -2.98 -3.38 -25.15
C ASP C 59 -1.48 -3.30 -25.29
N ALA C 60 -0.89 -4.38 -25.77
CA ALA C 60 0.52 -4.40 -26.09
C ALA C 60 0.82 -3.31 -27.12
N GLY C 61 1.90 -2.58 -26.89
CA GLY C 61 2.30 -1.50 -27.76
C GLY C 61 1.59 -0.18 -27.52
N THR C 62 0.65 -0.12 -26.62
CA THR C 62 0.00 1.16 -26.35
C THR C 62 0.69 1.85 -25.18
N PRO C 63 1.00 3.15 -25.27
CA PRO C 63 1.61 3.85 -24.12
C PRO C 63 0.58 4.19 -23.05
N TYR C 64 0.99 4.04 -21.80
CA TYR C 64 0.16 4.38 -20.65
C TYR C 64 0.93 5.34 -19.75
N THR C 65 0.23 6.36 -19.27
CA THR C 65 0.79 7.31 -18.31
C THR C 65 0.86 6.66 -16.93
N ILE C 66 2.05 6.63 -16.33
CA ILE C 66 2.24 6.05 -15.01
C ILE C 66 2.55 7.19 -14.04
N PRO C 67 1.65 7.55 -13.13
CA PRO C 67 2.03 8.54 -12.10
C PRO C 67 3.01 7.91 -11.14
N ILE C 68 4.19 8.52 -10.98
CA ILE C 68 5.29 7.84 -10.31
C ILE C 68 5.57 8.38 -8.92
N ASN C 69 4.88 9.42 -8.45
CA ASN C 69 5.12 9.89 -7.10
C ASN C 69 3.81 10.25 -6.40
N CYS C 70 2.84 9.33 -6.49
CA CYS C 70 1.57 9.50 -5.78
C CYS C 70 1.79 9.64 -4.28
N GLN C 71 0.90 10.40 -3.64
CA GLN C 71 0.88 10.47 -2.20
C GLN C 71 0.11 9.30 -1.59
N THR C 72 -0.98 8.91 -2.22
CA THR C 72 -1.77 7.77 -1.81
C THR C 72 -1.73 6.75 -2.93
N TYR C 73 -2.01 5.50 -2.60
CA TYR C 73 -1.99 4.45 -3.59
C TYR C 73 -3.32 3.72 -3.56
N ASP C 74 -4.00 3.69 -4.69
CA ASP C 74 -5.26 2.96 -4.81
C ASP C 74 -4.92 1.67 -5.52
N ARG C 75 -4.94 0.57 -4.76
CA ARG C 75 -4.54 -0.72 -5.30
CA ARG C 75 -4.54 -0.73 -5.26
C ARG C 75 -5.71 -1.60 -5.71
N ASN C 76 -6.97 -1.26 -5.34
CA ASN C 76 -8.06 -2.17 -5.70
C ASN C 76 -9.46 -1.57 -5.80
N SER C 77 -9.67 -0.27 -5.61
CA SER C 77 -11.03 0.23 -5.68
C SER C 77 -11.67 -0.08 -7.03
N CYS C 78 -10.86 -0.11 -8.08
CA CYS C 78 -11.34 -0.37 -9.44
C CYS C 78 -11.46 -1.85 -9.74
N LEU C 79 -11.12 -2.73 -8.81
CA LEU C 79 -11.31 -4.15 -9.09
C LEU C 79 -12.47 -4.74 -8.30
N ARG D 2 -6.88 21.29 -11.05
CA ARG D 2 -6.78 20.71 -9.71
C ARG D 2 -6.21 21.69 -8.71
N ASN D 3 -6.60 21.54 -7.32
CA ASN D 3 -6.06 22.49 -6.36
C ASN D 3 -4.78 21.98 -5.70
N PRO D 4 -3.85 22.88 -5.36
CA PRO D 4 -2.63 22.47 -4.66
C PRO D 4 -2.91 21.88 -3.27
N ILE D 5 -2.02 20.98 -2.84
CA ILE D 5 -2.07 20.35 -1.53
C ILE D 5 -0.76 20.57 -0.80
N THR D 6 -0.79 20.39 0.51
CA THR D 6 0.39 20.53 1.36
C THR D 6 0.84 19.18 1.90
N ILE D 7 2.13 18.88 1.75
CA ILE D 7 2.71 17.65 2.25
C ILE D 7 3.93 17.98 3.10
N THR D 8 4.30 17.02 3.96
CA THR D 8 5.49 17.18 4.79
C THR D 8 6.51 16.11 4.39
N PRO D 9 7.56 16.47 3.66
CA PRO D 9 8.52 15.49 3.17
C PRO D 9 9.32 14.84 4.30
N GLN D 10 9.68 13.57 4.09
CA GLN D 10 10.57 12.84 4.97
C GLN D 10 11.99 12.72 4.42
N PHE D 11 12.22 13.23 3.22
CA PHE D 11 13.52 13.13 2.58
C PHE D 11 13.78 14.43 1.83
N ASP D 12 15.05 14.72 1.60
CA ASP D 12 15.36 15.96 0.91
C ASP D 12 14.81 15.99 -0.50
N CYS D 13 14.64 14.83 -1.13
CA CYS D 13 14.07 14.83 -2.48
C CYS D 13 12.58 15.20 -2.52
N GLY D 14 11.94 15.41 -1.37
CA GLY D 14 10.55 15.73 -1.30
C GLY D 14 9.62 14.56 -1.09
N ALA D 15 10.14 13.33 -1.07
CA ALA D 15 9.30 12.16 -0.88
C ALA D 15 8.65 12.16 0.50
N THR D 16 7.44 11.60 0.56
CA THR D 16 6.79 11.30 1.83
C THR D 16 6.71 9.82 2.13
N ASN D 17 6.87 8.97 1.11
CA ASN D 17 6.70 7.53 1.25
C ASN D 17 7.99 6.81 0.89
N SER D 18 8.19 5.63 1.45
CA SER D 18 9.42 4.89 1.20
C SER D 18 9.16 3.40 1.32
N GLN D 19 10.11 2.64 0.78
CA GLN D 19 10.13 1.19 0.93
C GLN D 19 11.50 0.77 1.45
N GLN D 20 11.55 -0.40 2.07
CA GLN D 20 12.83 -1.02 2.41
C GLN D 20 13.19 -1.98 1.29
N TYR D 21 14.41 -1.83 0.77
CA TYR D 21 14.90 -2.73 -0.27
C TYR D 21 16.18 -3.41 0.22
N VAL D 22 16.20 -4.74 0.18
CA VAL D 22 17.36 -5.51 0.60
C VAL D 22 18.25 -5.77 -0.60
N ALA D 23 19.47 -5.27 -0.56
CA ALA D 23 20.37 -5.42 -1.71
C ALA D 23 20.69 -6.89 -1.94
N ARG D 24 20.82 -7.25 -3.21
CA ARG D 24 21.18 -8.59 -3.66
C ARG D 24 22.56 -8.56 -4.28
N SER D 25 23.23 -9.71 -4.29
CA SER D 25 24.59 -9.74 -4.83
C SER D 25 24.55 -9.30 -6.29
N GLY D 26 25.46 -8.41 -6.64
CA GLY D 26 25.49 -7.81 -7.96
C GLY D 26 24.81 -6.46 -8.05
N ASP D 27 24.08 -6.06 -7.00
CA ASP D 27 23.38 -4.79 -7.02
C ASP D 27 24.37 -3.62 -7.01
N THR D 28 23.95 -2.56 -7.67
CA THR D 28 24.55 -1.23 -7.54
C THR D 28 23.38 -0.29 -7.31
N LEU D 29 23.67 0.92 -6.81
CA LEU D 29 22.64 1.95 -6.74
C LEU D 29 22.02 2.20 -8.11
N THR D 30 22.84 2.18 -9.15
CA THR D 30 22.36 2.36 -10.53
C THR D 30 21.33 1.31 -10.88
N LYS D 31 21.58 0.04 -10.55
CA LYS D 31 20.60 -0.99 -10.85
C LYS D 31 19.33 -0.79 -10.02
N ILE D 32 19.48 -0.54 -8.72
CA ILE D 32 18.33 -0.32 -7.85
C ILE D 32 17.47 0.84 -8.37
N ALA D 33 18.10 1.98 -8.67
CA ALA D 33 17.35 3.16 -9.10
C ALA D 33 16.78 3.00 -10.50
N GLN D 34 17.56 2.47 -11.45
CA GLN D 34 17.13 2.53 -12.84
C GLN D 34 16.26 1.34 -13.25
N GLU D 35 16.57 0.14 -12.75
CA GLU D 35 15.89 -1.07 -13.17
C GLU D 35 14.85 -1.51 -12.16
N ILE D 36 15.27 -1.77 -10.92
CA ILE D 36 14.35 -2.26 -9.90
C ILE D 36 13.22 -1.25 -9.72
N TYR D 37 13.57 0.02 -9.61
CA TYR D 37 12.63 1.10 -9.38
C TYR D 37 12.34 1.92 -10.62
N HIS D 38 12.75 1.45 -11.80
CA HIS D 38 12.29 2.02 -13.09
C HIS D 38 12.46 3.53 -13.13
N ASP D 39 13.57 4.02 -12.56
CA ASP D 39 13.92 5.44 -12.58
C ASP D 39 12.94 6.33 -11.83
N VAL D 40 12.13 5.79 -10.91
CA VAL D 40 11.26 6.67 -10.13
C VAL D 40 11.98 7.30 -8.96
N VAL D 41 13.29 7.05 -8.81
CA VAL D 41 14.13 7.64 -7.77
C VAL D 41 15.55 7.78 -8.31
N GLY D 42 16.28 8.78 -7.81
CA GLY D 42 17.66 8.98 -8.22
C GLY D 42 18.65 8.17 -7.38
N VAL D 43 19.76 7.77 -8.02
CA VAL D 43 20.82 7.05 -7.27
C VAL D 43 21.23 7.84 -6.03
N CYS D 44 21.37 9.15 -6.17
CA CYS D 44 21.85 9.96 -5.05
C CYS D 44 20.76 10.23 -4.02
N ASP D 45 19.50 10.19 -4.43
CA ASP D 45 18.42 10.21 -3.44
C ASP D 45 18.50 9.00 -2.52
N ILE D 46 18.77 7.82 -3.07
CA ILE D 46 18.98 6.64 -2.23
C ILE D 46 20.19 6.85 -1.32
N ALA D 47 21.26 7.41 -1.88
CA ALA D 47 22.49 7.64 -1.13
C ALA D 47 22.23 8.56 0.06
N ARG D 48 21.44 9.61 -0.16
CA ARG D 48 21.19 10.54 0.92
C ARG D 48 20.33 9.90 1.99
N ALA D 49 19.26 9.20 1.52
CA ALA D 49 18.28 8.59 2.39
C ALA D 49 18.93 7.64 3.35
N ASN D 50 20.07 7.09 2.97
CA ASN D 50 20.76 6.14 3.83
C ASN D 50 22.07 6.69 4.37
N ASN D 51 22.38 7.98 4.14
CA ASN D 51 23.64 8.54 4.61
C ASN D 51 24.81 7.61 4.35
N LEU D 52 24.97 7.28 3.08
CA LEU D 52 26.07 6.43 2.67
C LEU D 52 27.31 7.28 2.47
N ALA D 53 28.42 6.83 3.04
CA ALA D 53 29.68 7.51 2.78
C ALA D 53 30.07 7.33 1.32
N ASP D 54 30.01 6.09 0.83
CA ASP D 54 30.39 5.78 -0.55
C ASP D 54 29.17 5.27 -1.30
N PRO D 55 28.60 6.04 -2.23
CA PRO D 55 27.47 5.54 -3.02
C PRO D 55 27.84 4.38 -3.92
N ASN D 56 29.11 4.06 -4.07
CA ASN D 56 29.52 2.95 -4.90
C ASN D 56 29.63 1.64 -4.15
N ARG D 57 29.58 1.67 -2.82
CA ARG D 57 29.55 0.44 -2.02
C ARG D 57 28.12 0.16 -1.62
N ILE D 58 27.62 -0.98 -2.06
CA ILE D 58 26.32 -1.51 -1.69
C ILE D 58 26.57 -2.94 -1.24
N ASP D 59 25.99 -3.32 -0.11
CA ASP D 59 26.30 -4.61 0.49
C ASP D 59 25.08 -5.52 0.41
N ALA D 60 25.27 -6.69 -0.18
CA ALA D 60 24.21 -7.71 -0.22
C ALA D 60 23.75 -8.03 1.20
N GLY D 61 22.44 -8.16 1.34
CA GLY D 61 21.84 -8.40 2.63
C GLY D 61 21.65 -7.16 3.48
N THR D 62 22.09 -6.02 3.01
CA THR D 62 21.86 -4.81 3.78
C THR D 62 20.59 -4.12 3.29
N PRO D 63 19.72 -3.70 4.20
CA PRO D 63 18.51 -2.97 3.80
C PRO D 63 18.82 -1.49 3.52
N TYR D 64 18.17 -0.97 2.50
CA TYR D 64 18.27 0.43 2.13
C TYR D 64 16.88 1.05 2.04
N THR D 65 16.75 2.25 2.57
CA THR D 65 15.54 3.04 2.46
C THR D 65 15.47 3.65 1.07
N ILE D 66 14.40 3.35 0.34
CA ILE D 66 14.20 3.88 -1.00
C ILE D 66 13.04 4.88 -0.95
N PRO D 67 13.29 6.17 -1.08
CA PRO D 67 12.18 7.13 -1.17
C PRO D 67 11.47 6.93 -2.51
N ILE D 68 10.16 6.69 -2.48
CA ILE D 68 9.47 6.23 -3.68
C ILE D 68 8.59 7.28 -4.34
N ASN D 69 8.47 8.48 -3.76
CA ASN D 69 7.66 9.52 -4.40
C ASN D 69 8.32 10.89 -4.26
N CYS D 70 9.61 10.95 -4.56
CA CYS D 70 10.34 12.21 -4.58
C CYS D 70 9.67 13.20 -5.53
N GLN D 71 9.78 14.49 -5.19
CA GLN D 71 9.37 15.52 -6.13
C GLN D 71 10.50 15.82 -7.12
N THR D 72 11.74 15.81 -6.64
CA THR D 72 12.94 16.01 -7.44
C THR D 72 13.78 14.74 -7.43
N TYR D 73 14.60 14.57 -8.46
CA TYR D 73 15.42 13.37 -8.58
C TYR D 73 16.86 13.76 -8.82
N ASP D 74 17.75 13.28 -7.95
CA ASP D 74 19.18 13.55 -8.03
C ASP D 74 19.89 12.31 -8.54
N ARG D 75 20.39 12.37 -9.77
CA ARG D 75 21.02 11.22 -10.38
C ARG D 75 22.53 11.27 -10.34
N ASN D 76 23.14 12.39 -9.93
CA ASN D 76 24.60 12.46 -10.07
C ASN D 76 25.30 13.43 -9.12
N SER D 77 24.55 14.20 -8.32
CA SER D 77 25.18 15.18 -7.44
C SER D 77 26.15 14.53 -6.49
N CYS D 78 25.85 13.31 -6.04
CA CYS D 78 26.68 12.59 -5.09
C CYS D 78 27.81 11.82 -5.74
N LEU D 79 27.97 11.90 -7.06
CA LEU D 79 29.05 11.18 -7.71
C LEU D 79 30.17 12.11 -8.09
#